data_5K1Z
#
_entry.id   5K1Z
#
_cell.length_a   83.189
_cell.length_b   83.189
_cell.length_c   67.633
_cell.angle_alpha   90.00
_cell.angle_beta   90.00
_cell.angle_gamma   120.00
#
_symmetry.space_group_name_H-M   'P 32 2 1'
#
loop_
_entity.id
_entity.type
_entity.pdbx_description
1 polymer 'Aminodeoxyfutalosine nucleosidase'
2 non-polymer (3R,4S)-1-[(4-amino-5H-pyrrolo[3,2-d]pyrimidin-7-yl)methyl]-4-{[(4-chlorophenyl)sulfanyl]methyl}pyrrolidin-3-ol
3 water water
#
_entity_poly.entity_id   1
_entity_poly.type   'polypeptide(L)'
_entity_poly.pdbx_seq_one_letter_code
;QKIGILGAMREEITPILELFGVDFEEIPLGGNVFHKGVYHNKEIIVAYSKIGKVHSTLTTTSMILAFGVQKVLFSGVAGS
LVKDLKINDLLVATQLVQHDVDLSAFDHPLGFIPESAIFIETSGSLNALAKKIANEQHIALKEGVIASGDQFVHSKERKE
FLVSEFKASAVEMEGASVAFVCQKFGVPCCVLRSISDNADEKAGMSFDEFLEKSAHTSAKFLKSMVDEL
;
_entity_poly.pdbx_strand_id   A
#
loop_
_chem_comp.id
_chem_comp.type
_chem_comp.name
_chem_comp.formula
4CT non-polymer (3R,4S)-1-[(4-amino-5H-pyrrolo[3,2-d]pyrimidin-7-yl)methyl]-4-{[(4-chlorophenyl)sulfanyl]methyl}pyrrolidin-3-ol 'C18 H20 Cl N5 O S'
#
# COMPACT_ATOMS: atom_id res chain seq x y z
N GLN A 1 -3.01 -0.63 -22.43
CA GLN A 1 -3.01 -1.19 -21.05
C GLN A 1 -3.08 -0.07 -20.00
N LYS A 2 -4.10 -0.11 -19.14
CA LYS A 2 -4.26 0.92 -18.12
C LYS A 2 -3.81 0.46 -16.74
N ILE A 3 -2.93 1.27 -16.11
CA ILE A 3 -2.39 0.95 -14.80
C ILE A 3 -2.51 2.10 -13.80
N GLY A 4 -3.06 1.80 -12.62
CA GLY A 4 -3.18 2.80 -11.60
C GLY A 4 -2.10 2.64 -10.55
N ILE A 5 -1.55 3.75 -10.10
CA ILE A 5 -0.50 3.73 -9.10
C ILE A 5 -0.97 4.67 -8.03
N LEU A 6 -1.12 4.16 -6.82
CA LEU A 6 -1.61 4.96 -5.72
C LEU A 6 -0.59 5.16 -4.65
N GLY A 7 -0.73 6.29 -3.97
CA GLY A 7 0.08 6.61 -2.82
C GLY A 7 -0.88 7.20 -1.81
N ALA A 8 -0.50 7.27 -0.54
CA ALA A 8 -1.39 7.83 0.45
C ALA A 8 -1.14 9.32 0.56
N MET A 9 0.14 9.67 0.70
CA MET A 9 0.57 11.06 0.82
C MET A 9 1.21 11.50 -0.48
N ARG A 10 1.28 12.82 -0.68
CA ARG A 10 1.92 13.42 -1.85
C ARG A 10 3.41 13.04 -1.85
N GLU A 11 4.00 13.06 -0.66
CA GLU A 11 5.40 12.71 -0.49
C GLU A 11 5.71 11.29 -0.96
N GLU A 12 4.69 10.44 -1.08
CA GLU A 12 4.90 9.07 -1.53
C GLU A 12 4.80 8.92 -3.06
N ILE A 13 4.07 9.80 -3.74
CA ILE A 13 3.98 9.69 -5.18
C ILE A 13 4.84 10.70 -5.92
N THR A 14 5.39 11.70 -5.23
CA THR A 14 6.21 12.66 -5.95
C THR A 14 7.36 11.90 -6.65
N PRO A 15 8.07 11.03 -5.91
CA PRO A 15 9.16 10.30 -6.59
C PRO A 15 8.69 9.47 -7.77
N ILE A 16 7.46 8.99 -7.73
CA ILE A 16 6.95 8.20 -8.85
C ILE A 16 6.83 9.05 -10.12
N LEU A 17 6.34 10.27 -9.97
CA LEU A 17 6.20 11.17 -11.11
C LEU A 17 7.59 11.53 -11.68
N GLU A 18 8.55 11.71 -10.78
CA GLU A 18 9.93 12.02 -11.19
C GLU A 18 10.39 10.84 -12.01
N LEU A 19 10.68 9.74 -11.31
CA LEU A 19 11.17 8.51 -11.93
C LEU A 19 10.56 8.21 -13.30
N PHE A 20 9.30 8.54 -13.52
CA PHE A 20 8.68 8.28 -14.81
C PHE A 20 9.00 9.36 -15.84
N GLY A 21 9.18 10.56 -15.33
CA GLY A 21 9.50 11.71 -16.16
C GLY A 21 8.72 11.94 -17.44
N VAL A 22 7.46 11.54 -17.52
CA VAL A 22 6.70 11.79 -18.74
C VAL A 22 5.72 12.93 -18.47
N ASP A 23 5.02 13.42 -19.49
CA ASP A 23 4.11 14.52 -19.28
C ASP A 23 2.81 14.01 -18.73
N PHE A 24 2.45 14.55 -17.57
CA PHE A 24 1.21 14.14 -16.90
C PHE A 24 0.09 15.17 -17.03
N GLU A 25 -1.03 14.76 -17.61
CA GLU A 25 -2.19 15.64 -17.70
C GLU A 25 -2.84 15.53 -16.31
N GLU A 26 -3.30 16.65 -15.75
CA GLU A 26 -3.91 16.63 -14.43
C GLU A 26 -5.44 16.67 -14.47
N ILE A 27 -6.05 15.57 -14.04
CA ILE A 27 -7.51 15.46 -14.00
C ILE A 27 -8.03 15.40 -12.57
N PRO A 28 -8.76 16.46 -12.14
CA PRO A 28 -9.27 16.46 -10.77
C PRO A 28 -10.62 15.78 -10.71
N LEU A 29 -10.86 15.05 -9.61
CA LEU A 29 -12.11 14.33 -9.44
C LEU A 29 -12.27 13.85 -8.00
N GLY A 30 -13.42 14.20 -7.42
CA GLY A 30 -13.73 13.80 -6.06
C GLY A 30 -12.73 14.17 -4.97
N GLY A 31 -12.02 15.28 -5.14
CA GLY A 31 -11.09 15.71 -4.12
C GLY A 31 -9.70 15.17 -4.31
N ASN A 32 -9.49 14.38 -5.36
CA ASN A 32 -8.18 13.82 -5.66
C ASN A 32 -7.67 14.41 -6.96
N VAL A 33 -6.36 14.40 -7.16
CA VAL A 33 -5.80 14.88 -8.42
C VAL A 33 -5.10 13.72 -9.12
N PHE A 34 -5.71 13.27 -10.20
CA PHE A 34 -5.16 12.15 -10.94
C PHE A 34 -4.24 12.64 -12.05
N HIS A 35 -3.07 12.02 -12.14
CA HIS A 35 -2.09 12.37 -13.15
C HIS A 35 -2.13 11.30 -14.22
N LYS A 36 -2.69 11.63 -15.38
CA LYS A 36 -2.77 10.68 -16.48
C LYS A 36 -1.57 10.93 -17.40
N GLY A 37 -0.89 9.86 -17.80
CA GLY A 37 0.26 10.01 -18.66
C GLY A 37 0.43 8.81 -19.58
N VAL A 38 1.53 8.75 -20.32
CA VAL A 38 1.79 7.62 -21.21
C VAL A 38 3.24 7.18 -21.09
N TYR A 39 3.43 5.89 -20.87
CA TYR A 39 4.78 5.35 -20.68
C TYR A 39 5.01 4.14 -21.59
N HIS A 40 5.97 4.28 -22.50
CA HIS A 40 6.31 3.22 -23.43
C HIS A 40 5.09 2.81 -24.24
N ASN A 41 4.26 1.95 -23.66
CA ASN A 41 3.07 1.48 -24.35
C ASN A 41 1.88 1.57 -23.43
N LYS A 42 2.19 1.58 -22.14
CA LYS A 42 1.18 1.60 -21.09
C LYS A 42 0.67 3.00 -20.78
N GLU A 43 -0.58 3.06 -20.33
CA GLU A 43 -1.24 4.30 -19.94
C GLU A 43 -1.22 4.28 -18.40
N ILE A 44 -0.59 5.26 -17.76
CA ILE A 44 -0.49 5.26 -16.31
C ILE A 44 -1.24 6.41 -15.62
N ILE A 45 -2.02 6.07 -14.61
CA ILE A 45 -2.81 7.03 -13.82
C ILE A 45 -2.22 7.02 -12.40
N VAL A 46 -1.68 8.16 -11.96
CA VAL A 46 -1.08 8.21 -10.63
C VAL A 46 -1.85 9.16 -9.72
N ALA A 47 -1.79 8.92 -8.41
CA ALA A 47 -2.48 9.80 -7.48
C ALA A 47 -2.17 9.47 -6.04
N TYR A 48 -2.41 10.43 -5.16
CA TYR A 48 -2.28 10.19 -3.75
C TYR A 48 -3.73 10.34 -3.25
N SER A 49 -4.15 9.38 -2.44
CA SER A 49 -5.54 9.30 -1.94
C SER A 49 -5.84 10.25 -0.79
N LYS A 50 -4.79 10.47 0.01
CA LYS A 50 -4.81 11.22 1.25
C LYS A 50 -4.89 10.11 2.28
N ILE A 51 -4.72 10.48 3.53
CA ILE A 51 -4.65 9.53 4.62
C ILE A 51 -5.92 8.82 5.11
N GLY A 52 -5.80 7.51 5.34
CA GLY A 52 -6.89 6.78 5.94
C GLY A 52 -7.69 5.85 5.05
N LYS A 53 -8.50 5.04 5.72
CA LYS A 53 -9.33 4.05 5.07
C LYS A 53 -10.36 4.68 4.16
N VAL A 54 -11.02 5.73 4.65
CA VAL A 54 -12.04 6.38 3.84
C VAL A 54 -11.46 7.01 2.59
N HIS A 55 -10.40 7.82 2.74
CA HIS A 55 -9.77 8.47 1.59
C HIS A 55 -9.33 7.44 0.58
N SER A 56 -8.55 6.46 1.04
CA SER A 56 -8.02 5.47 0.13
C SER A 56 -9.10 4.68 -0.59
N THR A 57 -10.24 4.47 0.06
CA THR A 57 -11.32 3.72 -0.57
C THR A 57 -11.94 4.53 -1.69
N LEU A 58 -12.12 5.82 -1.42
CA LEU A 58 -12.73 6.72 -2.40
C LEU A 58 -11.91 6.76 -3.71
N THR A 59 -10.63 7.07 -3.58
CA THR A 59 -9.69 7.18 -4.68
C THR A 59 -9.58 5.89 -5.49
N THR A 60 -9.45 4.76 -4.82
CA THR A 60 -9.33 3.48 -5.51
C THR A 60 -10.57 3.21 -6.30
N THR A 61 -11.74 3.44 -5.69
CA THR A 61 -13.01 3.24 -6.37
C THR A 61 -13.12 4.18 -7.57
N SER A 62 -12.68 5.43 -7.40
CA SER A 62 -12.70 6.43 -8.48
C SER A 62 -11.77 6.03 -9.61
N MET A 63 -10.55 5.63 -9.26
CA MET A 63 -9.58 5.22 -10.25
C MET A 63 -10.17 4.14 -11.16
N ILE A 64 -10.69 3.10 -10.53
CA ILE A 64 -11.26 1.97 -11.25
C ILE A 64 -12.48 2.32 -12.10
N LEU A 65 -13.45 3.00 -11.51
CA LEU A 65 -14.68 3.31 -12.21
C LEU A 65 -14.57 4.47 -13.21
N ALA A 66 -13.74 5.46 -12.90
CA ALA A 66 -13.60 6.60 -13.79
C ALA A 66 -12.53 6.40 -14.84
N PHE A 67 -11.41 5.79 -14.49
CA PHE A 67 -10.37 5.59 -15.47
C PHE A 67 -10.27 4.17 -16.01
N GLY A 68 -10.88 3.21 -15.34
CA GLY A 68 -10.86 1.85 -15.85
C GLY A 68 -9.50 1.20 -15.82
N VAL A 69 -8.75 1.41 -14.74
CA VAL A 69 -7.45 0.79 -14.60
C VAL A 69 -7.63 -0.72 -14.54
N GLN A 70 -6.70 -1.44 -15.14
CA GLN A 70 -6.79 -2.89 -15.19
C GLN A 70 -5.91 -3.55 -14.14
N LYS A 71 -5.07 -2.73 -13.51
CA LYS A 71 -4.21 -3.20 -12.43
C LYS A 71 -3.99 -2.05 -11.46
N VAL A 72 -3.71 -2.38 -10.21
CA VAL A 72 -3.45 -1.36 -9.23
C VAL A 72 -2.24 -1.68 -8.37
N LEU A 73 -1.27 -0.78 -8.37
CA LEU A 73 -0.05 -0.96 -7.59
C LEU A 73 -0.01 0.17 -6.61
N PHE A 74 0.27 -0.14 -5.37
CA PHE A 74 0.33 0.84 -4.33
C PHE A 74 1.75 0.88 -3.85
N SER A 75 2.18 2.05 -3.42
CA SER A 75 3.51 2.18 -2.92
C SER A 75 3.55 3.30 -1.89
N GLY A 76 4.12 3.00 -0.74
CA GLY A 76 4.23 3.99 0.31
C GLY A 76 5.07 3.40 1.42
N VAL A 77 5.01 4.01 2.60
CA VAL A 77 5.80 3.53 3.73
C VAL A 77 4.91 2.84 4.77
N ALA A 78 5.52 2.29 5.82
CA ALA A 78 4.78 1.58 6.87
C ALA A 78 5.61 1.46 8.16
N GLY A 79 4.98 1.05 9.25
CA GLY A 79 5.68 0.87 10.52
C GLY A 79 5.93 -0.61 10.72
N SER A 80 7.18 -0.96 11.06
CA SER A 80 7.57 -2.36 11.25
C SER A 80 7.07 -2.94 12.58
N LEU A 81 6.52 -4.15 12.48
CA LEU A 81 6.00 -4.85 13.63
C LEU A 81 6.93 -5.98 14.03
N VAL A 82 7.84 -6.36 13.14
CA VAL A 82 8.76 -7.45 13.43
C VAL A 82 10.25 -7.06 13.48
N LYS A 83 11.00 -7.84 14.26
CA LYS A 83 12.43 -7.61 14.47
C LYS A 83 13.25 -7.74 13.20
N ASP A 84 12.81 -8.57 12.26
CA ASP A 84 13.58 -8.78 11.03
C ASP A 84 13.21 -7.84 9.89
N LEU A 85 12.42 -6.81 10.20
CA LEU A 85 12.06 -5.81 9.20
C LEU A 85 12.65 -4.52 9.71
N LYS A 86 13.70 -4.07 9.02
CA LYS A 86 14.40 -2.88 9.42
C LYS A 86 14.06 -1.68 8.53
N ILE A 87 14.32 -0.49 9.03
CA ILE A 87 14.09 0.73 8.28
C ILE A 87 14.62 0.57 6.87
N ASN A 88 13.84 1.07 5.93
CA ASN A 88 14.12 1.03 4.49
C ASN A 88 13.90 -0.32 3.84
N ASP A 89 13.55 -1.34 4.64
CA ASP A 89 13.30 -2.67 4.10
C ASP A 89 12.06 -2.61 3.20
N LEU A 90 12.01 -3.47 2.20
CA LEU A 90 10.86 -3.55 1.31
C LEU A 90 10.03 -4.79 1.65
N LEU A 91 8.73 -4.67 1.44
CA LEU A 91 7.78 -5.72 1.77
C LEU A 91 6.66 -5.68 0.75
N VAL A 92 6.11 -6.83 0.42
CA VAL A 92 4.97 -6.89 -0.49
C VAL A 92 3.93 -7.71 0.26
N ALA A 93 2.74 -7.13 0.39
CA ALA A 93 1.66 -7.73 1.15
C ALA A 93 1.01 -8.92 0.49
N THR A 94 0.88 -9.98 1.27
CA THR A 94 0.23 -11.19 0.79
C THR A 94 -1.22 -11.08 1.21
N GLN A 95 -1.46 -10.77 2.48
CA GLN A 95 -2.83 -10.58 2.95
C GLN A 95 -2.91 -9.29 3.74
N LEU A 96 -4.06 -8.63 3.69
CA LEU A 96 -4.26 -7.39 4.46
C LEU A 96 -5.46 -7.55 5.35
N VAL A 97 -5.43 -6.92 6.52
CA VAL A 97 -6.55 -6.97 7.46
C VAL A 97 -6.84 -5.56 8.01
N GLN A 98 -8.09 -5.33 8.38
CA GLN A 98 -8.47 -4.05 8.97
C GLN A 98 -8.44 -4.35 10.47
N HIS A 99 -7.34 -3.99 11.10
CA HIS A 99 -7.13 -4.32 12.49
C HIS A 99 -8.00 -3.60 13.49
N ASP A 100 -8.66 -2.54 13.05
CA ASP A 100 -9.49 -1.76 13.97
C ASP A 100 -10.99 -2.06 13.91
N VAL A 101 -11.39 -3.05 13.10
CA VAL A 101 -12.80 -3.46 13.00
C VAL A 101 -13.15 -4.29 14.21
N ASP A 102 -14.19 -3.89 14.94
CA ASP A 102 -14.56 -4.62 16.13
C ASP A 102 -16.04 -4.74 16.38
N LEU A 103 -16.53 -5.95 16.11
CA LEU A 103 -17.91 -6.31 16.33
C LEU A 103 -17.97 -7.41 17.38
N SER A 104 -16.99 -7.42 18.27
CA SER A 104 -16.92 -8.44 19.30
C SER A 104 -18.23 -8.55 20.07
N ALA A 105 -18.91 -7.42 20.25
CA ALA A 105 -20.18 -7.40 20.96
C ALA A 105 -21.18 -8.35 20.32
N PHE A 106 -20.92 -8.77 19.09
CA PHE A 106 -21.81 -9.71 18.42
C PHE A 106 -21.13 -11.05 18.27
N ASP A 107 -20.17 -11.28 19.16
CA ASP A 107 -19.42 -12.52 19.22
C ASP A 107 -18.79 -12.83 17.89
N HIS A 108 -18.12 -11.81 17.36
CA HIS A 108 -17.41 -11.93 16.10
C HIS A 108 -15.93 -11.76 16.36
N PRO A 109 -15.10 -12.52 15.64
CA PRO A 109 -13.64 -12.35 15.80
C PRO A 109 -13.26 -10.91 15.38
N LEU A 110 -12.21 -10.35 15.96
CA LEU A 110 -11.79 -9.02 15.59
C LEU A 110 -11.41 -8.94 14.12
N GLY A 111 -11.73 -7.83 13.47
CA GLY A 111 -11.39 -7.68 12.07
C GLY A 111 -12.40 -8.29 11.13
N PHE A 112 -13.41 -8.98 11.66
CA PHE A 112 -14.40 -9.58 10.80
C PHE A 112 -15.62 -8.68 10.72
N ILE A 113 -16.25 -8.71 9.56
CA ILE A 113 -17.46 -7.97 9.25
C ILE A 113 -18.24 -8.94 8.40
N PRO A 114 -19.52 -9.16 8.75
CA PRO A 114 -20.34 -10.10 7.98
C PRO A 114 -20.38 -9.80 6.49
N GLU A 115 -20.52 -10.85 5.69
CA GLU A 115 -20.57 -10.72 4.25
C GLU A 115 -19.20 -10.38 3.68
N SER A 116 -18.19 -10.38 4.55
CA SER A 116 -16.82 -10.16 4.12
C SER A 116 -15.86 -11.21 4.69
N ALA A 117 -14.60 -10.83 4.83
CA ALA A 117 -13.58 -11.73 5.37
C ALA A 117 -12.55 -10.90 6.14
N ILE A 118 -11.89 -11.53 7.10
CA ILE A 118 -10.88 -10.85 7.90
C ILE A 118 -9.64 -10.53 7.06
N PHE A 119 -9.16 -11.50 6.27
CA PHE A 119 -7.98 -11.27 5.45
C PHE A 119 -8.39 -11.15 4.01
N ILE A 120 -7.80 -10.18 3.32
CA ILE A 120 -8.11 -9.98 1.91
C ILE A 120 -6.84 -10.29 1.09
N GLU A 121 -6.98 -10.97 -0.04
CA GLU A 121 -5.81 -11.33 -0.86
C GLU A 121 -5.44 -10.36 -1.96
N THR A 122 -4.14 -10.36 -2.31
CA THR A 122 -3.60 -9.51 -3.37
C THR A 122 -3.20 -10.37 -4.55
N SER A 123 -2.89 -9.74 -5.67
CA SER A 123 -2.52 -10.45 -6.88
C SER A 123 -1.35 -11.43 -6.75
N GLY A 124 -1.61 -12.69 -7.07
CA GLY A 124 -0.56 -13.70 -6.99
C GLY A 124 0.40 -13.54 -8.16
N SER A 125 -0.14 -13.06 -9.28
CA SER A 125 0.64 -12.82 -10.47
C SER A 125 1.63 -11.67 -10.24
N LEU A 126 1.15 -10.55 -9.69
CA LEU A 126 1.99 -9.39 -9.42
C LEU A 126 2.98 -9.64 -8.32
N ASN A 127 2.56 -10.32 -7.28
CA ASN A 127 3.47 -10.60 -6.19
C ASN A 127 4.60 -11.49 -6.69
N ALA A 128 4.32 -12.32 -7.70
CA ALA A 128 5.35 -13.17 -8.23
C ALA A 128 6.35 -12.27 -8.95
N LEU A 129 5.82 -11.45 -9.85
CA LEU A 129 6.64 -10.52 -10.61
C LEU A 129 7.56 -9.72 -9.70
N ALA A 130 7.06 -9.32 -8.55
CA ALA A 130 7.90 -8.55 -7.65
C ALA A 130 9.04 -9.40 -7.10
N LYS A 131 8.77 -10.68 -6.86
CA LYS A 131 9.79 -11.59 -6.30
C LYS A 131 10.89 -11.83 -7.32
N LYS A 132 10.48 -11.98 -8.57
CA LYS A 132 11.40 -12.16 -9.68
C LYS A 132 12.41 -10.99 -9.66
N ILE A 133 11.86 -9.79 -9.80
CA ILE A 133 12.63 -8.57 -9.81
C ILE A 133 13.50 -8.38 -8.59
N ALA A 134 12.92 -8.51 -7.41
CA ALA A 134 13.70 -8.33 -6.20
C ALA A 134 14.88 -9.28 -6.18
N ASN A 135 14.78 -10.33 -7.00
CA ASN A 135 15.83 -11.34 -7.08
C ASN A 135 16.95 -10.99 -8.03
N GLU A 136 16.60 -10.44 -9.18
CA GLU A 136 17.58 -10.01 -10.14
C GLU A 136 18.34 -8.78 -9.62
N GLN A 137 17.64 -7.89 -8.94
CA GLN A 137 18.27 -6.67 -8.42
C GLN A 137 19.02 -6.91 -7.13
N HIS A 138 19.10 -8.16 -6.70
CA HIS A 138 19.77 -8.49 -5.43
C HIS A 138 19.20 -7.73 -4.23
N ILE A 139 17.89 -7.52 -4.23
CA ILE A 139 17.18 -6.82 -3.15
C ILE A 139 16.49 -7.80 -2.21
N ALA A 140 16.65 -7.58 -0.90
CA ALA A 140 16.05 -8.47 0.09
C ALA A 140 14.56 -8.19 0.31
N LEU A 141 13.74 -8.57 -0.68
CA LEU A 141 12.30 -8.38 -0.61
C LEU A 141 11.64 -9.39 0.33
N LYS A 142 10.99 -8.88 1.37
CA LYS A 142 10.30 -9.71 2.35
C LYS A 142 8.82 -9.69 1.98
N GLU A 143 8.04 -10.56 2.59
CA GLU A 143 6.61 -10.60 2.30
C GLU A 143 5.80 -10.91 3.55
N GLY A 144 4.58 -10.43 3.63
CA GLY A 144 3.77 -10.74 4.79
C GLY A 144 2.41 -10.10 4.88
N VAL A 145 1.80 -10.25 6.05
CA VAL A 145 0.49 -9.69 6.29
C VAL A 145 0.63 -8.25 6.75
N ILE A 146 -0.15 -7.36 6.14
CA ILE A 146 -0.17 -5.95 6.52
C ILE A 146 -1.47 -5.59 7.23
N ALA A 147 -1.33 -4.87 8.33
CA ALA A 147 -2.47 -4.42 9.14
C ALA A 147 -2.80 -2.97 8.78
N SER A 148 -4.09 -2.65 8.71
CA SER A 148 -4.51 -1.32 8.35
C SER A 148 -5.61 -0.83 9.26
N GLY A 149 -5.47 0.41 9.71
CA GLY A 149 -6.46 1.02 10.58
C GLY A 149 -6.30 2.51 10.50
N ASP A 150 -7.26 3.21 11.11
CA ASP A 150 -7.26 4.64 11.12
C ASP A 150 -6.58 5.23 12.35
N GLN A 151 -5.54 4.55 12.82
CA GLN A 151 -4.78 5.05 13.97
C GLN A 151 -3.31 4.95 13.60
N PHE A 152 -2.52 5.90 14.08
CA PHE A 152 -1.10 5.80 13.81
C PHE A 152 -0.63 5.05 15.01
N VAL A 153 -0.11 3.86 14.77
CA VAL A 153 0.36 3.01 15.86
C VAL A 153 1.73 3.46 16.38
N HIS A 154 1.77 3.91 17.62
CA HIS A 154 3.01 4.36 18.25
C HIS A 154 3.08 3.87 19.68
N SER A 155 3.05 2.56 19.88
CA SER A 155 3.11 2.02 21.23
C SER A 155 3.25 0.51 21.18
N LYS A 156 4.11 -0.01 22.05
CA LYS A 156 4.38 -1.43 22.09
C LYS A 156 3.16 -2.31 22.35
N GLU A 157 2.25 -1.85 23.20
CA GLU A 157 1.07 -2.64 23.54
C GLU A 157 0.26 -2.99 22.30
N ARG A 158 0.12 -2.02 21.39
CA ARG A 158 -0.62 -2.26 20.16
C ARG A 158 0.20 -3.16 19.23
N LYS A 159 1.51 -2.90 19.17
CA LYS A 159 2.41 -3.71 18.34
C LYS A 159 2.15 -5.18 18.59
N GLU A 160 2.29 -5.60 19.84
CA GLU A 160 2.09 -7.00 20.23
C GLU A 160 0.70 -7.51 19.83
N PHE A 161 -0.34 -6.77 20.20
CA PHE A 161 -1.71 -7.14 19.86
C PHE A 161 -1.83 -7.53 18.37
N LEU A 162 -1.41 -6.61 17.51
CA LEU A 162 -1.46 -6.82 16.07
C LEU A 162 -0.76 -8.09 15.60
N VAL A 163 0.42 -8.35 16.16
CA VAL A 163 1.18 -9.52 15.78
C VAL A 163 0.53 -10.80 16.28
N SER A 164 0.01 -10.76 17.50
CA SER A 164 -0.56 -11.98 18.07
C SER A 164 -1.91 -12.31 17.49
N GLU A 165 -2.72 -11.27 17.33
CA GLU A 165 -4.06 -11.43 16.81
C GLU A 165 -4.07 -11.81 15.34
N PHE A 166 -3.38 -11.01 14.54
CA PHE A 166 -3.37 -11.20 13.09
C PHE A 166 -2.08 -11.73 12.50
N LYS A 167 -1.04 -11.83 13.31
CA LYS A 167 0.25 -12.29 12.81
C LYS A 167 0.76 -11.33 11.74
N ALA A 168 0.60 -10.04 12.01
CA ALA A 168 1.02 -9.03 11.04
C ALA A 168 2.52 -8.73 11.10
N SER A 169 3.06 -8.24 10.00
CA SER A 169 4.47 -7.89 9.93
C SER A 169 4.64 -6.38 9.88
N ALA A 170 3.69 -5.70 9.25
CA ALA A 170 3.75 -4.25 9.15
C ALA A 170 2.37 -3.60 9.26
N VAL A 171 2.37 -2.36 9.70
CA VAL A 171 1.14 -1.58 9.86
C VAL A 171 1.18 -0.28 9.03
N GLU A 172 0.02 0.11 8.54
CA GLU A 172 -0.14 1.34 7.77
C GLU A 172 -1.62 1.65 7.80
N MET A 173 -2.06 2.67 7.08
CA MET A 173 -3.47 3.05 7.17
C MET A 173 -4.28 3.03 5.88
N GLU A 174 -3.80 2.36 4.83
CA GLU A 174 -4.57 2.38 3.60
C GLU A 174 -4.54 1.08 2.84
N GLY A 175 -3.54 0.23 3.10
CA GLY A 175 -3.43 -1.00 2.35
C GLY A 175 -4.68 -1.86 2.23
N ALA A 176 -5.33 -2.16 3.37
CA ALA A 176 -6.50 -3.03 3.32
C ALA A 176 -7.67 -2.53 2.47
N SER A 177 -7.94 -1.23 2.53
CA SER A 177 -9.03 -0.70 1.74
C SER A 177 -8.78 -0.78 0.21
N VAL A 178 -7.54 -0.55 -0.21
CA VAL A 178 -7.25 -0.60 -1.64
C VAL A 178 -7.46 -2.01 -2.14
N ALA A 179 -6.85 -2.98 -1.47
CA ALA A 179 -6.95 -4.40 -1.84
C ALA A 179 -8.43 -4.83 -1.85
N PHE A 180 -9.17 -4.38 -0.84
CA PHE A 180 -10.59 -4.68 -0.71
C PHE A 180 -11.41 -4.21 -1.90
N VAL A 181 -11.23 -2.95 -2.30
CA VAL A 181 -11.96 -2.41 -3.43
C VAL A 181 -11.56 -3.15 -4.70
N CYS A 182 -10.26 -3.35 -4.88
CA CYS A 182 -9.78 -4.07 -6.04
C CYS A 182 -10.39 -5.47 -6.12
N GLN A 183 -10.45 -6.15 -4.98
CA GLN A 183 -11.04 -7.47 -4.97
C GLN A 183 -12.52 -7.45 -5.45
N LYS A 184 -13.31 -6.51 -4.95
CA LYS A 184 -14.72 -6.43 -5.31
C LYS A 184 -15.01 -6.13 -6.77
N PHE A 185 -14.04 -5.61 -7.49
CA PHE A 185 -14.21 -5.25 -8.90
C PHE A 185 -13.39 -6.18 -9.78
N GLY A 186 -12.70 -7.14 -9.17
CA GLY A 186 -11.88 -8.04 -9.94
C GLY A 186 -10.61 -7.44 -10.54
N VAL A 187 -10.01 -6.46 -9.85
CA VAL A 187 -8.77 -5.87 -10.33
C VAL A 187 -7.58 -6.40 -9.52
N PRO A 188 -6.55 -6.90 -10.21
CA PRO A 188 -5.36 -7.41 -9.51
C PRO A 188 -4.67 -6.25 -8.81
N CYS A 189 -4.31 -6.47 -7.56
CA CYS A 189 -3.72 -5.44 -6.76
C CYS A 189 -2.43 -5.93 -6.13
N CYS A 190 -1.47 -5.03 -6.03
CA CYS A 190 -0.20 -5.33 -5.38
C CYS A 190 0.09 -4.14 -4.49
N VAL A 191 0.41 -4.40 -3.23
CA VAL A 191 0.68 -3.37 -2.25
C VAL A 191 2.14 -3.43 -1.76
N LEU A 192 2.96 -2.48 -2.21
CA LEU A 192 4.36 -2.39 -1.79
C LEU A 192 4.48 -1.39 -0.66
N ARG A 193 5.31 -1.69 0.31
CA ARG A 193 5.51 -0.80 1.44
C ARG A 193 7.01 -0.77 1.85
N SER A 194 7.49 0.41 2.25
CA SER A 194 8.87 0.56 2.70
C SER A 194 8.87 0.98 4.18
N ILE A 195 9.72 0.36 4.99
CA ILE A 195 9.73 0.66 6.43
C ILE A 195 10.29 2.02 6.80
N SER A 196 9.47 2.80 7.50
CA SER A 196 9.85 4.14 7.93
C SER A 196 10.02 4.30 9.45
N ASP A 197 9.61 3.29 10.21
CA ASP A 197 9.74 3.34 11.67
C ASP A 197 9.44 1.98 12.28
N ASN A 198 9.31 1.93 13.59
CA ASN A 198 9.02 0.68 14.27
C ASN A 198 7.74 0.76 15.07
N ALA A 199 6.89 1.74 14.75
CA ALA A 199 5.62 1.86 15.43
C ALA A 199 5.75 1.86 16.94
N ASP A 200 6.87 2.32 17.46
CA ASP A 200 7.02 2.37 18.90
C ASP A 200 6.77 3.77 19.44
N GLU A 201 7.16 4.00 20.69
CA GLU A 201 6.96 5.29 21.31
C GLU A 201 7.71 6.34 20.52
N LYS A 202 8.77 5.90 19.83
CA LYS A 202 9.62 6.78 19.03
C LYS A 202 9.20 6.80 17.56
N ALA A 203 8.18 6.04 17.23
CA ALA A 203 7.68 5.93 15.86
C ALA A 203 7.50 7.26 15.15
N GLY A 204 7.01 8.26 15.87
CA GLY A 204 6.77 9.56 15.29
C GLY A 204 8.02 10.29 14.85
N MET A 205 9.06 10.25 15.67
CA MET A 205 10.32 10.92 15.35
C MET A 205 10.93 10.27 14.11
N SER A 206 11.11 8.95 14.18
CA SER A 206 11.71 8.19 13.10
C SER A 206 10.96 8.36 11.80
N PHE A 207 9.64 8.38 11.88
CA PHE A 207 8.84 8.54 10.67
C PHE A 207 9.25 9.81 9.96
N ASP A 208 9.35 10.90 10.72
CA ASP A 208 9.69 12.20 10.14
C ASP A 208 11.04 12.21 9.44
N GLU A 209 11.97 11.46 9.98
CA GLU A 209 13.29 11.38 9.40
C GLU A 209 13.35 10.62 8.06
N PHE A 210 12.85 9.38 8.07
CA PHE A 210 12.91 8.52 6.90
C PHE A 210 11.82 8.58 5.86
N LEU A 211 10.73 9.28 6.15
CA LEU A 211 9.66 9.36 5.16
C LEU A 211 10.25 9.48 3.76
N GLU A 212 10.94 10.58 3.53
CA GLU A 212 11.51 10.89 2.23
C GLU A 212 12.32 9.76 1.61
N LYS A 213 13.22 9.15 2.37
CA LYS A 213 14.04 8.07 1.83
C LYS A 213 13.20 6.83 1.51
N SER A 214 12.49 6.34 2.53
CA SER A 214 11.63 5.17 2.40
C SER A 214 10.66 5.29 1.24
N ALA A 215 10.11 6.47 1.05
CA ALA A 215 9.20 6.67 -0.06
C ALA A 215 9.93 6.39 -1.39
N HIS A 216 11.22 6.74 -1.44
CA HIS A 216 12.00 6.56 -2.67
C HIS A 216 12.28 5.10 -2.99
N THR A 217 12.78 4.39 -1.97
CA THR A 217 13.08 2.97 -2.12
C THR A 217 11.87 2.31 -2.74
N SER A 218 10.72 2.54 -2.12
CA SER A 218 9.45 2.00 -2.57
C SER A 218 9.15 2.41 -4.00
N ALA A 219 9.31 3.70 -4.28
CA ALA A 219 9.01 4.23 -5.60
C ALA A 219 9.89 3.59 -6.67
N LYS A 220 11.17 3.42 -6.36
CA LYS A 220 12.09 2.83 -7.31
C LYS A 220 11.67 1.41 -7.72
N PHE A 221 11.48 0.55 -6.73
CA PHE A 221 11.05 -0.81 -7.00
C PHE A 221 9.78 -0.88 -7.86
N LEU A 222 8.79 -0.05 -7.56
CA LEU A 222 7.54 -0.07 -8.31
C LEU A 222 7.76 0.29 -9.77
N LYS A 223 8.69 1.20 -10.01
CA LYS A 223 8.98 1.63 -11.38
C LYS A 223 9.50 0.42 -12.16
N SER A 224 10.42 -0.30 -11.56
CA SER A 224 10.98 -1.49 -12.17
C SER A 224 9.91 -2.53 -12.51
N MET A 225 8.84 -2.56 -11.73
CA MET A 225 7.75 -3.48 -11.97
C MET A 225 6.98 -3.00 -13.18
N VAL A 226 6.66 -1.71 -13.19
CA VAL A 226 5.93 -1.14 -14.31
C VAL A 226 6.72 -1.31 -15.60
N ASP A 227 8.04 -1.37 -15.48
CA ASP A 227 8.87 -1.55 -16.67
C ASP A 227 8.69 -2.97 -17.23
N GLU A 228 8.51 -3.94 -16.34
CA GLU A 228 8.34 -5.34 -16.73
C GLU A 228 6.94 -5.72 -17.20
N LEU A 229 5.99 -4.79 -17.11
CA LEU A 229 4.61 -5.06 -17.53
C LEU A 229 4.30 -4.73 -19.00
N1 4CT B . 1.07 3.31 12.08
CL1 4CT B . 2.07 15.67 9.35
C2 4CT B . 0.23 3.42 11.04
N3 4CT B . 0.60 3.76 9.78
C4 4CT B . 1.93 4.00 9.58
C5 4CT B . 2.83 3.89 10.61
C6 4CT B . 2.38 3.54 11.88
N6 4CT B . 3.26 3.42 12.96
N7 4CT B . 4.05 4.17 10.13
C8 4CT B . 3.99 4.45 8.87
C9 4CT B . 2.65 4.35 8.47
C1' 4CT B . 2.08 6.87 6.90
N1' 4CT B . 1.38 5.80 6.69
C10 4CT B . 2.09 4.59 7.11
C11 4CT B . 1.62 13.99 9.26
C13 4CT B . 2.50 12.94 8.82
C14 4CT B . 2.03 11.61 8.79
C2' 4CT B . -0.02 5.95 7.37
C3' 4CT B . -0.24 7.41 6.95
O3' 4CT B . -0.66 7.53 5.61
C4' 4CT B . 0.98 7.98 7.12
C5' 4CT B . 1.24 8.50 8.54
S6' 4CT B . 0.02 9.69 9.20
C7' 4CT B . 0.71 11.34 9.20
C8' 4CT B . -0.15 12.39 9.64
C9' 4CT B . 0.31 13.70 9.67
H2 4CT B . -0.64 3.25 11.25
DN6 4CT B . 2.98 3.18 13.85
DN6A 4CT B . 4.22 3.55 12.81
DN7 4CT B . 4.86 4.17 10.66
H8 4CT B . 4.77 4.68 8.32
H1' 4CT B . 2.60 6.78 7.75
H1'A 4CT B . 2.66 7.08 6.13
H10 4CT B . 1.41 3.85 6.93
H10A 4CT B . 2.82 4.46 6.44
H13 4CT B . 3.37 13.13 8.54
H14 4CT B . 2.59 10.93 8.50
H2' 4CT B . -0.69 5.38 6.86
H2'A 4CT B . 0.03 5.86 8.35
H3' 4CT B . -0.89 7.82 7.55
DO3' 4CT B . -1.50 7.30 5.26
H4' 4CT B . 1.09 8.69 6.41
H5' 4CT B . 1.16 7.69 9.14
H5'A 4CT B . 2.11 8.91 8.58
H8' 4CT B . -1.04 12.18 9.91
H9' 4CT B . -0.25 14.37 9.95
D151 4CT B . 1.22 5.74 5.76
#